data_5A28
#
_entry.id   5A28
#
_cell.length_a   48.447
_cell.length_b   92.161
_cell.length_c   53.461
_cell.angle_alpha   90.00
_cell.angle_beta   113.79
_cell.angle_gamma   90.00
#
_symmetry.space_group_name_H-M   'P 1 21 1'
#
loop_
_entity.id
_entity.type
_entity.pdbx_description
1 polymer 'GLYCYLPEPTIDE N-TETRADECANOYLTRANSFERASE'
2 non-polymer TETRADECANOYL-COA
3 non-polymer 4-(4-chloro-2-{5-[(trimethyl-1H-pyrazol-4-yl)methyl]-1,3,4-oxadiazol-2-yl}phenoxy)piperidine
4 non-polymer 'MAGNESIUM ION'
5 water water
#
_entity_poly.entity_id   1
_entity_poly.type   'polypeptide(L)'
_entity_poly.pdbx_seq_one_letter_code
;AHAFWSTQPVPQTEDETEKIVFAGPMDEPKTVADIPEEPYPIASTFEWWTPNMEAADDIHAIYELLRDNYVEDDDSMFRF
NYSEEFLQWALCPPNYIPDWHVAVRRKADKKLLAFIAGVPVTLRMGTPKYMKVKAQEKGEGEEAAKYDEPRHICEINFLC
VHKQLREKRLAPILIKEATRRVNRTNVWQAVYTAGVLLPTPYASGQYFHRSLNPEKLVEIRFSGIPAQYQKFQNPMAMLK
RNYQLPSAPKNSGLREMKPSDVPQVRRILMNYLDSFDVGPVFSDAEISHYLLPRDGVVFTYVVENDKKVTDFFSFYRIPS
TVIGNSNYNLLNAAYVHYYAATSIPLHQLILDLLIVAHSRGFDVCNMVEILDNRSFVEQLKFGAGDGHLRYYFYNWAYPK
IKPSQVALVML
;
_entity_poly.pdbx_strand_id   A
#
loop_
_chem_comp.id
_chem_comp.type
_chem_comp.name
_chem_comp.formula
MG non-polymer 'MAGNESIUM ION' 'Mg 2'
MYA non-polymer TETRADECANOYL-COA 'C35 H62 N7 O17 P3 S'
TUQ non-polymer 4-(4-chloro-2-{5-[(trimethyl-1H-pyrazol-4-yl)methyl]-1,3,4-oxadiazol-2-yl}phenoxy)piperidine 'C20 H24 Cl N5 O2'
#
# COMPACT_ATOMS: atom_id res chain seq x y z
N ALA A 1 -26.94 -9.26 -2.47
CA ALA A 1 -26.33 -7.91 -2.25
C ALA A 1 -24.94 -7.78 -2.91
N HIS A 2 -24.08 -8.80 -2.78
CA HIS A 2 -22.84 -8.80 -3.62
C HIS A 2 -22.79 -9.84 -4.70
N ALA A 3 -23.30 -9.53 -5.88
CA ALA A 3 -23.44 -10.49 -6.97
C ALA A 3 -22.07 -11.10 -7.36
N PHE A 4 -20.99 -10.32 -7.19
CA PHE A 4 -19.66 -10.89 -7.51
C PHE A 4 -18.98 -11.49 -6.31
N TRP A 5 -18.78 -10.75 -5.20
CA TRP A 5 -18.00 -11.23 -4.04
C TRP A 5 -18.60 -12.44 -3.26
N SER A 6 -19.92 -12.60 -3.37
CA SER A 6 -20.61 -13.87 -3.14
CA SER A 6 -20.58 -13.89 -3.15
C SER A 6 -20.06 -15.14 -3.84
N THR A 7 -19.45 -15.01 -5.01
CA THR A 7 -19.10 -16.18 -5.80
C THR A 7 -17.59 -16.59 -5.51
N GLN A 8 -16.97 -15.79 -4.61
CA GLN A 8 -15.47 -15.83 -4.45
C GLN A 8 -15.04 -16.41 -3.16
N PRO A 9 -13.77 -16.92 -3.08
CA PRO A 9 -13.30 -17.46 -1.73
C PRO A 9 -12.72 -16.47 -0.67
N VAL A 10 -13.58 -15.65 -0.04
CA VAL A 10 -13.27 -14.74 1.03
C VAL A 10 -14.20 -14.85 2.25
N PRO A 11 -13.83 -14.35 3.45
CA PRO A 11 -14.91 -14.44 4.45
C PRO A 11 -16.14 -13.63 3.98
N GLN A 12 -17.35 -14.07 4.37
CA GLN A 12 -18.56 -13.38 3.84
C GLN A 12 -19.14 -12.36 4.83
N THR A 13 -18.79 -12.48 6.12
CA THR A 13 -19.30 -11.58 7.15
C THR A 13 -18.25 -11.31 8.22
N GLU A 14 -18.34 -10.14 8.85
CA GLU A 14 -17.72 -9.93 10.13
CA GLU A 14 -17.73 -9.91 10.14
C GLU A 14 -18.30 -11.03 11.01
N ASP A 15 -17.53 -11.52 11.97
CA ASP A 15 -18.11 -12.59 12.82
C ASP A 15 -18.29 -13.91 12.01
N GLU A 16 -17.47 -14.03 10.98
CA GLU A 16 -17.02 -15.29 10.41
C GLU A 16 -15.51 -15.08 10.57
N THR A 17 -15.08 -13.90 10.13
CA THR A 17 -13.84 -13.25 10.55
C THR A 17 -13.63 -13.19 12.08
N GLU A 18 -14.67 -12.82 12.84
CA GLU A 18 -14.59 -12.93 14.30
C GLU A 18 -14.49 -14.37 14.78
N LYS A 19 -15.13 -15.32 14.09
CA LYS A 19 -15.05 -16.75 14.44
C LYS A 19 -13.64 -17.36 14.18
N ILE A 20 -13.09 -17.24 12.96
CA ILE A 20 -11.85 -17.89 12.47
C ILE A 20 -10.73 -17.87 13.49
N VAL A 21 -10.03 -18.99 13.60
CA VAL A 21 -8.98 -19.08 14.58
C VAL A 21 -7.66 -19.48 13.95
N PHE A 22 -7.64 -20.29 12.93
CA PHE A 22 -6.36 -20.61 12.37
C PHE A 22 -6.21 -19.97 10.99
N ALA A 23 -4.98 -19.59 10.63
CA ALA A 23 -4.72 -19.25 9.26
C ALA A 23 -4.75 -20.45 8.42
N GLY A 24 -5.26 -20.24 7.23
CA GLY A 24 -5.27 -21.19 6.22
C GLY A 24 -6.19 -20.85 5.08
N PRO A 25 -6.14 -21.62 4.00
CA PRO A 25 -6.81 -21.53 2.67
C PRO A 25 -8.34 -21.69 2.70
N MET A 26 -9.05 -21.29 1.62
CA MET A 26 -10.54 -21.45 1.57
CA MET A 26 -10.55 -21.44 1.55
C MET A 26 -11.07 -22.31 0.43
N ASP A 27 -10.61 -22.10 -0.79
CA ASP A 27 -11.07 -22.81 -1.94
C ASP A 27 -10.68 -24.28 -1.85
N GLU A 28 -11.24 -25.05 -2.81
CA GLU A 28 -10.87 -26.43 -3.03
C GLU A 28 -9.38 -26.52 -3.44
N PRO A 29 -8.56 -27.43 -2.83
CA PRO A 29 -7.21 -27.49 -3.41
C PRO A 29 -7.32 -27.76 -4.90
N LYS A 30 -6.63 -26.95 -5.69
CA LYS A 30 -6.68 -27.02 -7.10
C LYS A 30 -5.31 -27.14 -7.64
N THR A 31 -5.24 -27.45 -8.92
CA THR A 31 -4.02 -27.60 -9.65
C THR A 31 -3.95 -26.64 -10.82
N VAL A 32 -2.74 -26.29 -11.23
CA VAL A 32 -2.57 -25.62 -12.48
C VAL A 32 -3.35 -26.21 -13.70
N ALA A 33 -3.29 -27.56 -13.86
CA ALA A 33 -3.90 -28.18 -14.98
C ALA A 33 -5.46 -27.97 -14.99
N ASP A 34 -6.07 -27.74 -13.82
CA ASP A 34 -7.52 -27.42 -13.77
C ASP A 34 -7.94 -26.09 -14.37
N ILE A 35 -6.98 -25.17 -14.47
CA ILE A 35 -7.31 -23.78 -14.86
C ILE A 35 -7.33 -23.59 -16.30
N PRO A 36 -8.43 -22.94 -16.81
CA PRO A 36 -8.57 -22.78 -18.27
C PRO A 36 -7.36 -22.12 -18.89
N GLU A 37 -6.90 -22.61 -20.02
CA GLU A 37 -5.70 -22.03 -20.65
CA GLU A 37 -5.70 -22.03 -20.64
C GLU A 37 -6.01 -20.79 -21.47
N GLU A 38 -7.29 -20.63 -21.79
CA GLU A 38 -7.72 -19.52 -22.60
CA GLU A 38 -7.69 -19.50 -22.55
C GLU A 38 -8.26 -18.38 -21.72
N PRO A 39 -7.93 -17.12 -22.13
CA PRO A 39 -8.42 -16.01 -21.40
C PRO A 39 -9.90 -16.09 -21.20
N TYR A 40 -10.34 -15.47 -20.12
CA TYR A 40 -11.77 -15.33 -19.87
C TYR A 40 -12.51 -14.66 -21.07
N PRO A 41 -13.73 -15.14 -21.45
CA PRO A 41 -14.46 -14.50 -22.54
C PRO A 41 -14.74 -13.02 -22.17
N ILE A 42 -14.62 -12.15 -23.16
CA ILE A 42 -14.93 -10.71 -23.01
C ILE A 42 -15.72 -10.27 -24.27
N ALA A 43 -16.56 -9.26 -24.15
CA ALA A 43 -17.36 -8.79 -25.30
C ALA A 43 -16.51 -8.44 -26.51
N SER A 44 -17.04 -8.70 -27.71
CA SER A 44 -16.18 -8.58 -28.90
C SER A 44 -15.65 -7.16 -29.25
N THR A 45 -16.23 -6.10 -28.70
CA THR A 45 -15.65 -4.73 -28.86
C THR A 45 -14.41 -4.39 -27.99
N PHE A 46 -14.09 -5.29 -27.06
CA PHE A 46 -12.94 -5.16 -26.15
C PHE A 46 -11.92 -6.27 -26.40
N GLU A 47 -10.72 -6.12 -25.89
CA GLU A 47 -9.68 -7.11 -25.96
C GLU A 47 -8.81 -7.05 -24.71
N TRP A 48 -8.32 -8.19 -24.26
CA TRP A 48 -7.35 -8.25 -23.17
C TRP A 48 -5.99 -7.76 -23.69
N TRP A 49 -5.21 -7.17 -22.80
CA TRP A 49 -3.90 -6.60 -23.17
C TRP A 49 -2.93 -6.77 -22.03
N THR A 50 -1.71 -7.23 -22.33
CA THR A 50 -0.69 -7.38 -21.27
C THR A 50 0.32 -6.27 -21.58
N PRO A 51 0.30 -5.11 -20.84
CA PRO A 51 1.28 -4.07 -21.20
C PRO A 51 2.70 -4.56 -21.00
N ASN A 52 3.59 -3.97 -21.78
CA ASN A 52 5.01 -4.19 -21.61
C ASN A 52 5.55 -3.02 -20.78
N MET A 53 5.90 -3.35 -19.53
CA MET A 53 6.32 -2.36 -18.57
C MET A 53 7.69 -1.82 -18.92
N GLU A 54 8.41 -2.47 -19.83
CA GLU A 54 9.64 -1.88 -20.41
C GLU A 54 9.42 -0.86 -21.55
N ALA A 55 8.18 -0.66 -21.98
CA ALA A 55 7.83 0.28 -23.12
C ALA A 55 7.27 1.58 -22.56
N ALA A 56 7.95 2.68 -22.85
CA ALA A 56 7.48 4.04 -22.41
C ALA A 56 6.06 4.31 -22.77
N ASP A 57 5.60 3.92 -24.00
N ASP A 57 5.71 3.89 -23.98
CA ASP A 57 4.17 4.11 -24.40
CA ASP A 57 4.47 4.23 -24.49
C ASP A 57 3.17 3.40 -23.55
C ASP A 57 3.30 3.44 -23.74
N ASP A 58 3.54 2.19 -23.22
CA ASP A 58 2.62 1.31 -22.43
C ASP A 58 2.50 1.93 -21.00
N ILE A 59 3.64 2.28 -20.41
CA ILE A 59 3.64 2.97 -19.09
CA ILE A 59 3.64 2.98 -19.09
C ILE A 59 2.87 4.29 -19.22
N HIS A 60 3.09 5.08 -20.30
CA HIS A 60 2.29 6.26 -20.45
C HIS A 60 0.77 6.07 -20.50
N ALA A 61 0.33 5.06 -21.27
CA ALA A 61 -1.08 4.72 -21.32
C ALA A 61 -1.69 4.46 -19.96
N ILE A 62 -1.01 3.63 -19.16
CA ILE A 62 -1.48 3.28 -17.78
C ILE A 62 -1.45 4.62 -16.95
N TYR A 63 -0.40 5.38 -17.11
CA TYR A 63 -0.27 6.69 -16.31
C TYR A 63 -1.50 7.58 -16.61
N GLU A 64 -1.92 7.69 -17.91
CA GLU A 64 -3.05 8.60 -18.23
C GLU A 64 -4.37 8.05 -17.72
N LEU A 65 -4.57 6.72 -17.81
CA LEU A 65 -5.79 6.12 -17.24
C LEU A 65 -5.92 6.40 -15.77
N LEU A 66 -4.83 6.18 -15.05
CA LEU A 66 -4.87 6.44 -13.59
C LEU A 66 -4.90 7.95 -13.24
N ARG A 67 -4.22 8.79 -14.01
CA ARG A 67 -4.26 10.27 -13.75
C ARG A 67 -5.71 10.75 -13.79
N ASP A 68 -6.49 10.25 -14.77
CA ASP A 68 -7.85 10.71 -15.00
C ASP A 68 -8.98 9.96 -14.32
N ASN A 69 -8.66 8.75 -13.82
CA ASN A 69 -9.71 7.85 -13.40
C ASN A 69 -9.46 7.07 -12.10
N TYR A 70 -8.30 7.25 -11.47
CA TYR A 70 -7.97 6.46 -10.25
C TYR A 70 -8.55 7.11 -8.98
N VAL A 71 -8.02 6.69 -7.86
CA VAL A 71 -8.66 6.96 -6.52
C VAL A 71 -8.79 8.49 -6.23
N GLU A 72 -10.00 8.92 -5.82
CA GLU A 72 -10.23 10.29 -5.28
C GLU A 72 -10.54 10.25 -3.81
N ASP A 73 -10.35 11.39 -3.13
CA ASP A 73 -10.89 11.46 -1.76
C ASP A 73 -12.45 11.45 -1.79
N ASP A 74 -13.05 11.36 -0.57
CA ASP A 74 -14.51 11.19 -0.48
C ASP A 74 -15.28 12.39 -1.04
N ASP A 75 -14.68 13.59 -1.04
CA ASP A 75 -15.32 14.82 -1.58
C ASP A 75 -14.90 15.25 -2.93
N SER A 76 -14.21 14.32 -3.64
CA SER A 76 -13.80 14.61 -5.03
C SER A 76 -13.08 15.98 -5.21
N MET A 77 -12.17 16.23 -4.25
CA MET A 77 -11.27 17.36 -4.31
CA MET A 77 -11.25 17.34 -4.29
C MET A 77 -9.86 16.99 -4.84
N PHE A 78 -9.49 15.72 -4.69
CA PHE A 78 -8.13 15.25 -5.01
C PHE A 78 -8.21 13.92 -5.72
N ARG A 79 -7.27 13.69 -6.65
CA ARG A 79 -7.18 12.36 -7.31
C ARG A 79 -5.64 12.03 -7.40
N PHE A 80 -5.26 10.78 -7.11
CA PHE A 80 -3.84 10.41 -7.21
C PHE A 80 -3.34 10.69 -8.61
N ASN A 81 -2.11 11.18 -8.68
CA ASN A 81 -1.42 11.34 -9.96
C ASN A 81 -0.04 10.62 -9.86
N TYR A 82 -0.04 9.28 -9.71
CA TYR A 82 1.21 8.56 -9.74
C TYR A 82 2.05 8.85 -10.97
N SER A 83 3.33 9.01 -10.80
CA SER A 83 4.15 9.39 -11.96
C SER A 83 4.44 8.10 -12.79
N GLU A 84 4.93 8.34 -14.02
CA GLU A 84 5.40 7.17 -14.86
C GLU A 84 6.58 6.48 -14.21
N GLU A 85 7.50 7.24 -13.56
CA GLU A 85 8.67 6.60 -12.95
C GLU A 85 8.20 5.77 -11.69
N PHE A 86 7.24 6.37 -10.94
CA PHE A 86 6.67 5.57 -9.85
C PHE A 86 6.03 4.24 -10.29
N LEU A 87 5.22 4.33 -11.36
CA LEU A 87 4.58 3.10 -11.90
C LEU A 87 5.61 2.08 -12.42
N GLN A 88 6.67 2.53 -13.01
CA GLN A 88 7.72 1.62 -13.40
CA GLN A 88 7.71 1.58 -13.41
C GLN A 88 8.31 0.91 -12.16
N TRP A 89 8.61 1.67 -11.11
CA TRP A 89 9.13 1.09 -9.88
C TRP A 89 8.17 0.12 -9.20
N ALA A 90 6.89 0.53 -9.15
CA ALA A 90 5.86 -0.30 -8.48
C ALA A 90 5.52 -1.60 -9.21
N LEU A 91 5.48 -1.52 -10.54
CA LEU A 91 4.95 -2.66 -11.29
CA LEU A 91 4.95 -2.58 -11.44
C LEU A 91 6.04 -3.62 -11.67
N CYS A 92 7.33 -3.24 -11.52
CA CYS A 92 8.47 -4.13 -11.99
C CYS A 92 9.53 -4.42 -10.96
N PRO A 93 9.14 -4.97 -9.83
CA PRO A 93 10.08 -5.40 -8.83
C PRO A 93 10.84 -6.73 -9.31
N PRO A 94 11.89 -7.14 -8.61
CA PRO A 94 12.64 -8.32 -9.00
C PRO A 94 11.75 -9.53 -9.21
N ASN A 95 11.94 -10.18 -10.36
CA ASN A 95 11.20 -11.43 -10.67
C ASN A 95 9.72 -11.17 -10.85
N TYR A 96 9.37 -9.95 -11.23
CA TYR A 96 7.93 -9.75 -11.50
C TYR A 96 7.45 -10.63 -12.73
N ILE A 97 6.14 -10.84 -12.79
CA ILE A 97 5.56 -11.71 -13.83
CA ILE A 97 5.54 -11.72 -13.81
C ILE A 97 4.81 -10.79 -14.74
N PRO A 98 5.26 -10.64 -15.98
CA PRO A 98 4.63 -9.70 -16.86
C PRO A 98 3.12 -9.98 -17.06
N ASP A 99 2.75 -11.28 -17.09
CA ASP A 99 1.34 -11.69 -17.28
CA ASP A 99 1.34 -11.47 -17.41
C ASP A 99 0.36 -11.28 -16.22
N TRP A 100 0.89 -10.98 -15.04
CA TRP A 100 0.05 -10.51 -13.91
C TRP A 100 -0.44 -9.05 -14.00
N HIS A 101 0.05 -8.28 -14.93
CA HIS A 101 -0.48 -6.92 -15.23
C HIS A 101 -1.52 -7.13 -16.36
N VAL A 102 -2.80 -6.88 -16.05
CA VAL A 102 -3.93 -7.18 -16.98
C VAL A 102 -4.65 -5.88 -17.32
N ALA A 103 -4.89 -5.64 -18.61
CA ALA A 103 -5.62 -4.51 -19.06
C ALA A 103 -6.68 -4.90 -20.07
N VAL A 104 -7.65 -4.00 -20.18
CA VAL A 104 -8.73 -4.11 -21.20
C VAL A 104 -8.58 -2.91 -22.06
N ARG A 105 -8.51 -3.14 -23.40
CA ARG A 105 -8.54 -2.04 -24.36
C ARG A 105 -9.76 -2.12 -25.32
N ARG A 106 -10.18 -0.99 -25.83
CA ARG A 106 -11.19 -0.92 -26.87
CA ARG A 106 -11.19 -0.94 -26.86
C ARG A 106 -10.45 -1.41 -28.13
N LYS A 107 -11.01 -2.37 -28.85
CA LYS A 107 -10.29 -2.96 -30.01
C LYS A 107 -10.01 -2.00 -31.17
N ALA A 108 -10.98 -1.13 -31.43
CA ALA A 108 -10.95 -0.22 -32.55
C ALA A 108 -9.83 0.80 -32.45
N ASP A 109 -9.73 1.50 -31.29
CA ASP A 109 -8.72 2.56 -31.15
C ASP A 109 -7.59 2.22 -30.18
N LYS A 110 -7.66 1.05 -29.54
CA LYS A 110 -6.68 0.62 -28.52
C LYS A 110 -6.67 1.54 -27.29
N LYS A 111 -7.77 2.28 -27.08
CA LYS A 111 -7.93 3.07 -25.83
C LYS A 111 -7.96 2.14 -24.58
N LEU A 112 -7.03 2.44 -23.65
CA LEU A 112 -7.06 1.76 -22.34
C LEU A 112 -8.32 2.06 -21.55
N LEU A 113 -9.06 1.01 -21.22
CA LEU A 113 -10.31 1.19 -20.46
C LEU A 113 -10.28 0.69 -19.04
N ALA A 114 -9.38 -0.25 -18.69
CA ALA A 114 -9.42 -0.83 -17.35
C ALA A 114 -8.09 -1.49 -17.13
N PHE A 115 -7.63 -1.51 -15.88
CA PHE A 115 -6.34 -2.09 -15.55
C PHE A 115 -6.39 -2.65 -14.15
N ILE A 116 -5.51 -3.68 -13.92
CA ILE A 116 -5.28 -4.22 -12.61
C ILE A 116 -3.85 -4.73 -12.60
N ALA A 117 -3.13 -4.58 -11.49
CA ALA A 117 -1.75 -5.09 -11.42
C ALA A 117 -1.53 -6.05 -10.27
N GLY A 118 -0.76 -7.15 -10.54
CA GLY A 118 -0.32 -8.00 -9.52
C GLY A 118 1.21 -8.07 -9.56
N VAL A 119 1.82 -8.12 -8.38
CA VAL A 119 3.27 -8.38 -8.30
C VAL A 119 3.52 -9.39 -7.20
N PRO A 120 4.69 -10.06 -7.24
CA PRO A 120 5.05 -10.97 -6.18
C PRO A 120 5.30 -10.35 -4.85
N VAL A 121 4.90 -11.03 -3.78
CA VAL A 121 5.34 -10.63 -2.48
C VAL A 121 5.54 -11.95 -1.67
N THR A 122 6.57 -11.97 -0.84
CA THR A 122 6.75 -13.05 0.14
C THR A 122 6.20 -12.59 1.43
N LEU A 123 5.12 -13.26 1.96
CA LEU A 123 4.43 -12.74 3.07
C LEU A 123 4.36 -13.77 4.25
N ARG A 124 4.71 -13.38 5.44
CA ARG A 124 4.35 -14.17 6.65
CA ARG A 124 4.35 -14.17 6.64
C ARG A 124 2.86 -13.92 6.82
N MET A 125 2.09 -14.99 6.89
CA MET A 125 0.63 -14.87 7.00
C MET A 125 0.12 -16.16 7.67
N GLY A 126 0.92 -16.61 8.63
CA GLY A 126 0.41 -17.68 9.49
C GLY A 126 -0.36 -17.17 10.69
N THR A 127 -0.94 -18.09 11.49
CA THR A 127 -1.57 -17.61 12.75
C THR A 127 -0.96 -16.54 13.69
N PRO A 128 -1.74 -15.46 14.01
CA PRO A 128 -1.28 -14.43 14.89
C PRO A 128 -0.84 -14.97 16.21
N LYS A 129 0.17 -14.36 16.80
CA LYS A 129 0.67 -14.74 18.13
C LYS A 129 -0.50 -14.97 19.16
N TYR A 130 -1.48 -14.05 19.21
CA TYR A 130 -2.67 -14.14 20.11
C TYR A 130 -3.54 -15.39 19.93
N MET A 131 -3.68 -15.88 18.71
CA MET A 131 -4.44 -17.10 18.47
C MET A 131 -3.54 -18.30 18.74
N LYS A 132 -2.22 -18.08 18.73
CA LYS A 132 -1.29 -19.21 18.87
C LYS A 132 -1.11 -19.62 20.29
N VAL A 133 -1.13 -18.62 21.17
CA VAL A 133 -0.98 -18.93 22.59
C VAL A 133 -2.30 -19.58 23.12
N LYS A 134 -3.47 -19.00 22.81
CA LYS A 134 -4.77 -19.71 23.01
C LYS A 134 -4.68 -21.18 22.61
N ALA A 135 -4.08 -21.42 21.43
CA ALA A 135 -4.05 -22.74 20.83
C ALA A 135 -3.18 -23.63 21.62
N GLN A 136 -2.04 -23.13 22.06
CA GLN A 136 -1.07 -23.89 22.89
CA GLN A 136 -1.09 -23.95 22.85
C GLN A 136 -1.74 -24.50 24.11
N GLU A 137 -2.46 -23.64 24.79
CA GLU A 137 -3.04 -23.97 26.10
CA GLU A 137 -3.01 -23.96 26.09
C GLU A 137 -4.20 -24.94 25.97
N LYS A 138 -4.81 -24.95 24.76
CA LYS A 138 -5.93 -25.81 24.35
C LYS A 138 -5.51 -27.11 23.63
N GLY A 139 -4.21 -27.34 23.50
CA GLY A 139 -3.70 -28.56 22.89
C GLY A 139 -3.45 -28.60 21.40
N GLU A 140 -3.59 -27.46 20.69
CA GLU A 140 -3.61 -27.47 19.20
C GLU A 140 -2.45 -26.75 18.46
N GLY A 141 -1.35 -26.48 19.17
CA GLY A 141 -0.19 -25.84 18.54
C GLY A 141 0.20 -26.28 17.12
N GLU A 142 0.16 -27.57 16.81
CA GLU A 142 0.53 -27.97 15.45
C GLU A 142 -0.40 -27.42 14.39
N GLU A 143 -1.70 -27.53 14.55
CA GLU A 143 -2.57 -27.02 13.49
CA GLU A 143 -2.56 -27.04 13.47
C GLU A 143 -2.41 -25.50 13.35
N ALA A 144 -2.23 -24.78 14.50
CA ALA A 144 -1.96 -23.30 14.56
C ALA A 144 -0.71 -22.89 13.78
N ALA A 145 0.33 -23.71 13.79
CA ALA A 145 1.61 -23.38 13.16
C ALA A 145 1.71 -23.91 11.74
N LYS A 146 0.63 -24.54 11.31
CA LYS A 146 0.70 -25.19 10.03
C LYS A 146 1.21 -24.33 8.81
N TYR A 147 0.77 -23.07 8.72
CA TYR A 147 1.15 -22.18 7.62
C TYR A 147 2.06 -21.02 8.09
N ASP A 148 2.99 -21.33 9.01
CA ASP A 148 3.95 -20.36 9.56
C ASP A 148 5.00 -19.87 8.52
N GLU A 149 5.33 -20.69 7.55
CA GLU A 149 6.40 -20.41 6.59
CA GLU A 149 6.41 -20.34 6.68
C GLU A 149 5.97 -19.28 5.65
N PRO A 150 6.84 -18.25 5.45
CA PRO A 150 6.48 -17.17 4.42
C PRO A 150 6.04 -17.77 3.12
N ARG A 151 4.98 -17.23 2.49
CA ARG A 151 4.43 -17.74 1.25
C ARG A 151 4.65 -16.74 0.15
N HIS A 152 4.87 -17.26 -1.03
CA HIS A 152 5.06 -16.52 -2.26
C HIS A 152 3.68 -16.38 -2.85
N ILE A 153 3.15 -15.18 -2.67
CA ILE A 153 1.76 -14.92 -3.12
C ILE A 153 1.72 -13.69 -4.08
N CYS A 154 0.53 -13.26 -4.47
CA CYS A 154 0.27 -12.04 -5.32
C CYS A 154 -0.19 -10.85 -4.48
N GLU A 155 0.42 -9.68 -4.73
CA GLU A 155 -0.11 -8.42 -4.11
C GLU A 155 -0.73 -7.63 -5.26
N ILE A 156 -2.03 -7.29 -5.06
CA ILE A 156 -2.83 -6.60 -6.06
C ILE A 156 -2.95 -5.10 -5.78
N ASN A 157 -2.82 -4.28 -6.86
CA ASN A 157 -3.01 -2.81 -6.58
C ASN A 157 -3.37 -2.26 -7.97
N PHE A 158 -3.72 -0.95 -8.04
CA PHE A 158 -3.98 -0.24 -9.26
C PHE A 158 -5.19 -0.74 -10.09
N LEU A 159 -6.20 -1.33 -9.43
CA LEU A 159 -7.48 -1.62 -10.07
C LEU A 159 -8.16 -0.31 -10.50
N CYS A 160 -8.55 -0.20 -11.78
CA CYS A 160 -9.13 1.08 -12.28
C CYS A 160 -10.01 0.78 -13.47
N VAL A 161 -11.26 1.27 -13.40
CA VAL A 161 -12.10 1.30 -14.60
C VAL A 161 -12.33 2.71 -15.03
N HIS A 162 -12.20 2.99 -16.34
CA HIS A 162 -12.44 4.37 -16.84
C HIS A 162 -13.81 4.89 -16.40
N LYS A 163 -13.86 6.17 -15.98
CA LYS A 163 -15.17 6.76 -15.56
C LYS A 163 -16.33 6.54 -16.53
N GLN A 164 -16.03 6.44 -17.84
CA GLN A 164 -17.18 6.21 -18.79
C GLN A 164 -17.73 4.83 -18.77
N LEU A 165 -17.11 3.95 -18.02
CA LEU A 165 -17.44 2.53 -18.05
CA LEU A 165 -17.47 2.52 -18.05
C LEU A 165 -17.86 2.03 -16.68
N ARG A 166 -18.05 2.95 -15.77
CA ARG A 166 -18.36 2.53 -14.42
C ARG A 166 -19.73 1.85 -14.30
N GLU A 167 -19.84 0.90 -13.35
CA GLU A 167 -21.11 0.19 -12.97
CA GLU A 167 -21.13 0.25 -12.96
C GLU A 167 -21.67 -0.61 -14.13
N LYS A 168 -20.77 -1.16 -14.92
CA LYS A 168 -21.08 -2.04 -16.05
CA LYS A 168 -21.11 -2.05 -16.04
C LYS A 168 -20.49 -3.43 -15.76
N ARG A 169 -20.17 -3.72 -14.48
CA ARG A 169 -19.60 -5.03 -14.03
C ARG A 169 -18.29 -5.41 -14.72
N LEU A 170 -17.50 -4.43 -15.14
CA LEU A 170 -16.18 -4.66 -15.72
C LEU A 170 -15.11 -5.04 -14.67
N ALA A 171 -15.21 -4.52 -13.44
CA ALA A 171 -14.21 -4.78 -12.36
C ALA A 171 -14.23 -6.35 -12.04
N PRO A 172 -15.41 -7.01 -11.88
CA PRO A 172 -15.37 -8.50 -11.74
C PRO A 172 -14.65 -9.28 -12.80
N ILE A 173 -14.82 -8.86 -14.04
CA ILE A 173 -14.28 -9.54 -15.20
C ILE A 173 -12.72 -9.42 -15.13
N LEU A 174 -12.24 -8.23 -14.70
CA LEU A 174 -10.81 -7.99 -14.46
CA LEU A 174 -10.80 -7.99 -14.45
C LEU A 174 -10.25 -8.83 -13.31
N ILE A 175 -11.02 -9.00 -12.28
CA ILE A 175 -10.52 -9.65 -11.12
C ILE A 175 -10.50 -11.16 -11.54
N LYS A 176 -11.53 -11.65 -12.26
CA LYS A 176 -11.50 -13.07 -12.75
CA LYS A 176 -11.48 -13.09 -12.69
C LYS A 176 -10.28 -13.38 -13.57
N GLU A 177 -10.04 -12.57 -14.58
CA GLU A 177 -8.90 -12.76 -15.43
C GLU A 177 -7.58 -12.62 -14.68
N ALA A 178 -7.46 -11.68 -13.73
CA ALA A 178 -6.19 -11.63 -12.93
C ALA A 178 -6.05 -12.91 -12.09
N THR A 179 -7.16 -13.47 -11.66
CA THR A 179 -7.06 -14.59 -10.73
C THR A 179 -6.58 -15.79 -11.56
N ARG A 180 -7.13 -15.92 -12.76
CA ARG A 180 -6.75 -17.01 -13.71
C ARG A 180 -5.26 -16.96 -14.07
N ARG A 181 -4.77 -15.75 -14.42
CA ARG A 181 -3.35 -15.61 -14.69
C ARG A 181 -2.43 -15.94 -13.54
N VAL A 182 -2.74 -15.48 -12.34
CA VAL A 182 -2.04 -15.81 -11.10
C VAL A 182 -2.10 -17.36 -10.76
N ASN A 183 -3.30 -17.93 -10.92
CA ASN A 183 -3.48 -19.34 -10.53
C ASN A 183 -2.70 -20.24 -11.52
N ARG A 184 -2.53 -19.80 -12.77
CA ARG A 184 -1.79 -20.56 -13.81
C ARG A 184 -0.28 -20.58 -13.45
N THR A 185 0.13 -19.71 -12.52
CA THR A 185 1.52 -19.70 -12.04
C THR A 185 1.64 -20.42 -10.77
N ASN A 186 0.62 -21.19 -10.38
CA ASN A 186 0.57 -21.93 -9.19
C ASN A 186 0.66 -21.09 -7.98
N VAL A 187 -0.04 -19.92 -8.05
CA VAL A 187 -0.25 -19.13 -6.86
C VAL A 187 -1.79 -18.96 -6.58
N TRP A 188 -2.13 -19.10 -5.32
CA TRP A 188 -3.49 -19.30 -4.91
C TRP A 188 -4.02 -18.33 -3.88
N GLN A 189 -3.15 -17.49 -3.30
CA GLN A 189 -3.52 -16.43 -2.41
C GLN A 189 -3.16 -15.05 -3.05
N ALA A 190 -3.91 -14.02 -2.67
CA ALA A 190 -3.53 -12.59 -2.93
C ALA A 190 -3.74 -11.76 -1.67
N VAL A 191 -3.02 -10.62 -1.57
CA VAL A 191 -3.22 -9.62 -0.54
C VAL A 191 -3.50 -8.27 -1.26
N TYR A 192 -4.47 -7.55 -0.73
CA TYR A 192 -4.83 -6.21 -1.33
C TYR A 192 -5.39 -5.32 -0.25
N THR A 193 -5.35 -3.97 -0.51
CA THR A 193 -6.05 -3.06 0.36
C THR A 193 -7.07 -2.25 -0.44
N ALA A 194 -8.01 -1.64 0.30
CA ALA A 194 -8.96 -0.68 -0.27
C ALA A 194 -9.44 0.26 0.78
N GLY A 195 -9.92 1.42 0.29
CA GLY A 195 -10.42 2.45 1.22
C GLY A 195 -11.91 2.38 1.29
N VAL A 196 -12.46 1.32 0.76
CA VAL A 196 -13.89 0.97 0.84
C VAL A 196 -14.01 -0.38 1.59
N LEU A 197 -15.19 -0.64 2.14
CA LEU A 197 -15.57 -1.89 2.80
C LEU A 197 -16.10 -2.93 1.85
N LEU A 198 -15.45 -4.10 1.87
CA LEU A 198 -15.73 -5.17 0.98
C LEU A 198 -15.75 -6.46 1.86
N PRO A 199 -16.33 -7.54 1.33
CA PRO A 199 -16.25 -8.77 2.19
C PRO A 199 -14.80 -9.36 2.12
N THR A 200 -14.04 -9.53 3.20
CA THR A 200 -14.21 -8.99 4.50
C THR A 200 -12.79 -8.72 5.02
N PRO A 201 -12.54 -7.52 5.62
CA PRO A 201 -11.14 -7.17 5.99
C PRO A 201 -10.66 -7.96 7.15
N TYR A 202 -9.36 -8.33 7.16
CA TYR A 202 -8.79 -8.92 8.40
C TYR A 202 -8.19 -7.88 9.32
N ALA A 203 -7.97 -6.61 8.81
CA ALA A 203 -7.50 -5.50 9.63
C ALA A 203 -7.93 -4.16 8.97
N SER A 204 -8.02 -3.14 9.78
CA SER A 204 -8.42 -1.78 9.31
CA SER A 204 -8.45 -1.79 9.32
C SER A 204 -7.68 -0.75 10.09
N GLY A 205 -7.12 0.26 9.41
CA GLY A 205 -6.39 1.24 10.06
C GLY A 205 -6.73 2.66 9.59
N GLN A 206 -6.84 3.62 10.52
CA GLN A 206 -7.12 5.04 10.21
CA GLN A 206 -7.12 4.99 10.15
C GLN A 206 -5.96 5.71 9.48
N TYR A 207 -6.32 6.62 8.59
CA TYR A 207 -5.36 7.43 7.92
CA TYR A 207 -5.38 7.56 7.93
C TYR A 207 -4.87 8.56 8.91
N PHE A 208 -3.59 8.95 8.76
CA PHE A 208 -3.06 10.05 9.50
C PHE A 208 -2.25 11.03 8.61
N HIS A 209 -2.28 12.33 8.91
N HIS A 209 -2.23 12.32 8.93
CA HIS A 209 -1.66 13.41 8.09
CA HIS A 209 -1.55 13.32 8.06
C HIS A 209 -0.82 14.23 9.01
C HIS A 209 -0.90 14.39 8.92
N ARG A 210 0.29 14.80 8.52
CA ARG A 210 1.10 15.76 9.24
C ARG A 210 1.36 16.93 8.32
N SER A 211 0.78 18.08 8.60
CA SER A 211 0.97 19.26 7.73
CA SER A 211 0.99 19.27 7.72
C SER A 211 2.41 19.75 7.67
N LEU A 212 2.95 19.98 6.46
CA LEU A 212 4.34 20.51 6.29
C LEU A 212 4.28 21.89 5.72
N ASN A 213 3.31 22.17 4.82
CA ASN A 213 3.09 23.55 4.23
C ASN A 213 1.65 23.93 4.49
N PRO A 214 1.33 24.37 5.73
CA PRO A 214 -0.08 24.64 6.03
C PRO A 214 -0.71 25.78 5.20
N GLU A 215 0.07 26.77 4.75
CA GLU A 215 -0.47 27.82 3.85
C GLU A 215 -1.15 27.23 2.62
N LYS A 216 -0.45 26.30 1.98
CA LYS A 216 -0.93 25.69 0.76
C LYS A 216 -2.06 24.74 1.08
N LEU A 217 -1.91 23.92 2.12
CA LEU A 217 -2.96 22.99 2.51
C LEU A 217 -4.31 23.68 2.74
N VAL A 218 -4.24 24.88 3.32
CA VAL A 218 -5.51 25.58 3.59
C VAL A 218 -6.01 26.20 2.26
N GLU A 219 -5.11 26.68 1.40
CA GLU A 219 -5.52 27.32 0.15
C GLU A 219 -6.33 26.32 -0.75
N ILE A 220 -5.89 25.05 -0.77
CA ILE A 220 -6.53 23.98 -1.61
C ILE A 220 -7.59 23.14 -0.91
N ARG A 221 -7.88 23.54 0.31
CA ARG A 221 -8.91 22.97 1.17
C ARG A 221 -8.72 21.51 1.59
N PHE A 222 -7.45 21.09 1.65
CA PHE A 222 -7.11 19.85 2.35
C PHE A 222 -7.34 20.00 3.84
N SER A 223 -7.04 21.21 4.33
CA SER A 223 -7.11 21.58 5.74
CA SER A 223 -7.27 21.50 5.73
C SER A 223 -7.96 22.85 5.85
N GLY A 224 -8.50 23.10 7.04
CA GLY A 224 -9.11 24.39 7.38
C GLY A 224 -8.28 25.04 8.48
N ILE A 225 -8.59 26.31 8.77
CA ILE A 225 -8.06 26.98 9.94
C ILE A 225 -9.04 26.52 11.02
N PRO A 226 -8.58 25.70 12.01
CA PRO A 226 -9.56 25.13 12.96
C PRO A 226 -10.12 26.23 13.86
N ALA A 227 -11.40 26.07 14.22
CA ALA A 227 -12.17 27.05 15.01
C ALA A 227 -11.39 27.65 16.19
N GLN A 228 -10.68 26.78 16.91
CA GLN A 228 -9.71 27.17 17.95
C GLN A 228 -8.76 28.32 17.52
N TYR A 229 -8.35 28.32 16.24
CA TYR A 229 -7.42 29.33 15.70
C TYR A 229 -8.08 30.68 15.36
N GLN A 230 -9.38 30.83 15.70
CA GLN A 230 -10.13 32.10 15.48
C GLN A 230 -10.04 33.10 16.64
N LYS A 231 -10.17 32.67 17.89
CA LYS A 231 -9.97 33.63 19.00
C LYS A 231 -8.48 33.93 19.38
N PHE A 232 -7.58 33.61 18.45
CA PHE A 232 -6.29 34.31 18.28
C PHE A 232 -6.55 35.41 17.27
N GLN A 233 -5.91 36.55 17.45
CA GLN A 233 -6.06 37.65 16.50
C GLN A 233 -5.61 37.27 15.09
N ASN A 234 -4.60 36.40 14.99
CA ASN A 234 -3.95 36.07 13.69
C ASN A 234 -3.85 34.56 13.31
N PRO A 235 -4.63 34.12 12.29
CA PRO A 235 -4.83 32.67 12.10
C PRO A 235 -3.59 31.95 11.53
N MET A 236 -3.08 32.41 10.39
CA MET A 236 -2.15 31.66 9.58
C MET A 236 -0.73 31.71 10.14
N ALA A 237 -0.37 32.85 10.75
CA ALA A 237 0.96 33.00 11.33
C ALA A 237 1.08 31.92 12.42
N MET A 238 0.01 31.84 13.23
CA MET A 238 -0.06 30.88 14.32
C MET A 238 -0.03 29.43 13.75
N LEU A 239 -0.69 29.20 12.60
CA LEU A 239 -0.71 27.87 12.02
C LEU A 239 0.69 27.50 11.51
N LYS A 240 1.37 28.41 10.81
CA LYS A 240 2.78 28.17 10.40
C LYS A 240 3.70 27.88 11.56
N ARG A 241 3.61 28.71 12.61
CA ARG A 241 4.37 28.50 13.84
C ARG A 241 4.09 27.14 14.49
N ASN A 242 2.82 26.73 14.54
CA ASN A 242 2.54 25.42 15.04
C ASN A 242 3.23 24.22 14.29
N TYR A 243 3.25 24.30 12.95
CA TYR A 243 3.81 23.18 12.22
C TYR A 243 5.25 23.37 11.75
N GLN A 244 5.93 24.44 12.18
CA GLN A 244 7.30 24.70 11.72
C GLN A 244 8.26 23.56 12.14
N LEU A 245 9.25 23.34 11.29
CA LEU A 245 10.25 22.28 11.47
C LEU A 245 11.67 22.81 11.30
N PRO A 246 12.65 22.15 11.99
CA PRO A 246 14.03 22.52 11.72
C PRO A 246 14.43 22.38 10.24
N SER A 247 15.43 23.14 9.81
CA SER A 247 15.99 23.06 8.45
C SER A 247 16.86 21.81 8.18
N ALA A 248 17.48 21.23 9.21
CA ALA A 248 18.35 20.09 9.00
C ALA A 248 18.09 18.96 9.94
N PRO A 249 18.36 17.72 9.56
CA PRO A 249 18.12 16.65 10.48
C PRO A 249 18.88 16.81 11.79
N LYS A 250 18.34 16.24 12.85
CA LYS A 250 19.02 16.41 14.15
CA LYS A 250 18.94 16.35 14.21
C LYS A 250 19.88 15.16 14.50
N ASN A 251 19.68 14.02 13.83
CA ASN A 251 20.58 12.86 14.06
C ASN A 251 21.87 13.06 13.23
N SER A 252 23.09 13.22 13.81
N SER A 252 22.92 13.28 14.03
CA SER A 252 24.30 13.59 12.99
CA SER A 252 24.25 12.91 13.71
C SER A 252 24.84 12.53 11.95
C SER A 252 24.22 11.40 13.44
N GLY A 253 24.55 11.26 12.21
CA GLY A 253 24.86 10.03 11.45
C GLY A 253 23.90 9.88 10.26
N LEU A 254 22.86 10.75 10.12
CA LEU A 254 21.90 10.64 8.97
C LEU A 254 22.50 11.00 7.62
N ARG A 255 22.28 10.08 6.67
CA ARG A 255 22.64 10.31 5.26
C ARG A 255 21.70 9.48 4.34
N GLU A 256 21.68 9.81 3.04
CA GLU A 256 20.96 8.92 2.11
C GLU A 256 21.56 7.53 2.09
N MET A 257 20.70 6.53 1.97
CA MET A 257 21.10 5.15 1.78
C MET A 257 21.83 4.96 0.45
N LYS A 258 22.85 4.12 0.52
CA LYS A 258 23.67 3.75 -0.73
C LYS A 258 23.70 2.23 -0.88
N PRO A 259 24.01 1.74 -2.10
CA PRO A 259 23.94 0.28 -2.34
C PRO A 259 24.66 -0.58 -1.32
N SER A 260 25.84 -0.14 -0.85
CA SER A 260 26.59 -0.96 0.13
C SER A 260 25.84 -1.12 1.49
N ASP A 261 24.76 -0.35 1.70
CA ASP A 261 23.98 -0.46 2.94
C ASP A 261 22.97 -1.59 2.85
N VAL A 262 22.72 -2.14 1.68
CA VAL A 262 21.63 -3.09 1.50
C VAL A 262 21.67 -4.26 2.51
N PRO A 263 22.82 -4.93 2.69
CA PRO A 263 22.73 -6.00 3.74
C PRO A 263 22.36 -5.63 5.14
N GLN A 264 22.91 -4.54 5.64
CA GLN A 264 22.57 -4.16 7.00
C GLN A 264 21.12 -3.67 7.11
N VAL A 265 20.66 -2.92 6.10
CA VAL A 265 19.19 -2.48 6.19
C VAL A 265 18.30 -3.70 6.15
N ARG A 266 18.62 -4.65 5.30
CA ARG A 266 17.84 -5.90 5.19
C ARG A 266 17.75 -6.60 6.57
N ARG A 267 18.90 -6.70 7.23
CA ARG A 267 18.94 -7.35 8.57
C ARG A 267 18.10 -6.59 9.62
N ILE A 268 18.26 -5.26 9.79
CA ILE A 268 17.55 -4.53 10.81
C ILE A 268 16.08 -4.45 10.50
N LEU A 269 15.75 -4.36 9.21
CA LEU A 269 14.31 -4.40 8.83
C LEU A 269 13.71 -5.76 9.08
N MET A 270 14.33 -6.88 8.62
CA MET A 270 13.74 -8.20 8.83
CA MET A 270 13.71 -8.20 8.83
C MET A 270 13.56 -8.45 10.35
N ASN A 271 14.52 -8.06 11.15
CA ASN A 271 14.37 -8.22 12.65
C ASN A 271 13.19 -7.46 13.25
N TYR A 272 12.95 -6.23 12.78
CA TYR A 272 11.82 -5.47 13.19
C TYR A 272 10.54 -6.08 12.62
N LEU A 273 10.46 -6.39 11.33
CA LEU A 273 9.17 -6.82 10.78
C LEU A 273 8.73 -8.15 11.33
N ASP A 274 9.69 -9.08 11.46
CA ASP A 274 9.36 -10.39 12.01
C ASP A 274 8.59 -10.34 13.37
N SER A 275 8.58 -9.23 14.11
CA SER A 275 7.71 -9.08 15.28
C SER A 275 6.16 -8.95 15.00
N PHE A 276 5.81 -8.39 13.89
CA PHE A 276 4.40 -8.20 13.57
C PHE A 276 3.76 -9.48 13.04
N ASP A 277 2.44 -9.65 13.20
CA ASP A 277 1.82 -10.83 12.63
C ASP A 277 1.74 -11.09 11.16
N VAL A 278 1.52 -10.04 10.33
CA VAL A 278 1.45 -10.22 8.91
C VAL A 278 2.51 -9.19 8.38
N GLY A 279 3.45 -9.74 7.64
CA GLY A 279 4.50 -8.80 7.12
C GLY A 279 5.30 -9.43 6.04
N PRO A 280 6.02 -8.59 5.27
CA PRO A 280 6.72 -9.11 4.07
C PRO A 280 8.13 -9.66 4.48
N VAL A 281 8.66 -10.50 3.63
CA VAL A 281 10.07 -10.99 3.74
C VAL A 281 10.75 -10.49 2.50
N PHE A 282 11.84 -9.75 2.68
CA PHE A 282 12.57 -9.25 1.46
C PHE A 282 13.99 -9.87 1.23
N SER A 283 14.29 -10.20 -0.03
CA SER A 283 15.69 -10.62 -0.41
C SER A 283 16.57 -9.35 -0.51
N ASP A 284 17.90 -9.54 -0.62
CA ASP A 284 18.71 -8.31 -0.93
C ASP A 284 18.22 -7.54 -2.14
N ALA A 285 17.87 -8.23 -3.25
CA ALA A 285 17.46 -7.59 -4.45
C ALA A 285 16.15 -6.81 -4.26
N GLU A 286 15.28 -7.31 -3.40
CA GLU A 286 14.00 -6.58 -3.11
C GLU A 286 14.23 -5.41 -2.19
N ILE A 287 15.17 -5.49 -1.25
CA ILE A 287 15.59 -4.33 -0.46
C ILE A 287 16.20 -3.26 -1.32
N SER A 288 17.09 -3.64 -2.23
CA SER A 288 17.64 -2.66 -3.20
CA SER A 288 17.63 -2.67 -3.17
C SER A 288 16.54 -1.97 -3.98
N HIS A 289 15.65 -2.78 -4.55
CA HIS A 289 14.60 -2.25 -5.43
C HIS A 289 13.68 -1.27 -4.66
N TYR A 290 13.12 -1.75 -3.52
CA TYR A 290 12.15 -0.91 -2.82
C TYR A 290 12.71 0.19 -1.93
N LEU A 291 14.00 0.14 -1.60
CA LEU A 291 14.52 1.18 -0.69
C LEU A 291 15.62 2.03 -1.24
N LEU A 292 16.40 1.63 -2.27
CA LEU A 292 17.41 2.60 -2.72
C LEU A 292 16.79 3.82 -3.31
N PRO A 293 17.32 5.02 -2.99
CA PRO A 293 16.73 6.28 -3.44
C PRO A 293 16.54 6.28 -4.98
N ARG A 294 15.39 6.81 -5.37
CA ARG A 294 15.11 6.96 -6.83
C ARG A 294 14.45 8.34 -6.93
N ASP A 295 14.99 9.26 -7.80
CA ASP A 295 14.47 10.60 -7.81
C ASP A 295 13.00 10.77 -8.07
N GLY A 296 12.36 11.54 -7.20
CA GLY A 296 10.94 11.80 -7.32
C GLY A 296 10.01 10.62 -6.90
N VAL A 297 10.57 9.50 -6.43
CA VAL A 297 9.76 8.29 -6.23
C VAL A 297 9.93 7.81 -4.77
N VAL A 298 11.13 7.45 -4.43
CA VAL A 298 11.36 6.89 -3.07
C VAL A 298 12.63 7.50 -2.50
N PHE A 299 12.56 7.73 -1.18
CA PHE A 299 13.58 8.55 -0.51
C PHE A 299 13.93 7.74 0.78
N THR A 300 15.23 7.46 1.02
CA THR A 300 15.59 6.53 2.11
C THR A 300 16.90 7.06 2.73
N TYR A 301 16.90 7.13 4.09
CA TYR A 301 18.01 7.66 4.89
C TYR A 301 18.33 6.65 5.95
N VAL A 302 19.64 6.45 6.20
CA VAL A 302 20.12 5.58 7.23
C VAL A 302 20.81 6.49 8.30
N VAL A 303 20.83 5.95 9.53
CA VAL A 303 21.70 6.54 10.58
C VAL A 303 22.85 5.55 10.64
N GLU A 304 24.05 6.09 10.36
CA GLU A 304 25.27 5.27 10.47
C GLU A 304 26.15 5.90 11.57
N ASN A 305 26.47 5.07 12.55
CA ASN A 305 27.37 5.44 13.68
C ASN A 305 28.51 4.48 13.57
N ASP A 306 29.75 5.01 13.53
CA ASP A 306 31.01 4.22 13.51
C ASP A 306 30.91 3.11 12.46
N LYS A 307 30.45 3.46 11.26
CA LYS A 307 30.39 2.49 10.12
C LYS A 307 29.35 1.31 10.19
N LYS A 308 28.34 1.45 11.04
CA LYS A 308 27.34 0.40 11.19
C LYS A 308 25.98 1.14 11.05
N VAL A 309 25.12 0.58 10.22
CA VAL A 309 23.77 1.21 10.02
C VAL A 309 22.97 0.60 11.13
N THR A 310 22.38 1.51 11.91
CA THR A 310 21.63 1.10 13.15
C THR A 310 20.16 1.47 13.03
N ASP A 311 19.81 2.34 12.07
CA ASP A 311 18.39 2.81 11.96
C ASP A 311 18.23 3.29 10.52
N PHE A 312 16.98 3.33 10.08
CA PHE A 312 16.74 3.94 8.79
C PHE A 312 15.24 4.33 8.71
N PHE A 313 14.94 5.19 7.73
CA PHE A 313 13.53 5.44 7.37
C PHE A 313 13.40 5.63 5.86
N SER A 314 12.19 5.43 5.34
CA SER A 314 11.96 5.64 3.87
C SER A 314 10.54 6.26 3.76
N PHE A 315 10.36 7.03 2.67
CA PHE A 315 9.04 7.53 2.35
C PHE A 315 8.95 7.55 0.85
N TYR A 316 7.72 7.47 0.32
CA TYR A 316 7.55 7.51 -1.12
C TYR A 316 6.64 8.68 -1.48
N ARG A 317 6.74 9.15 -2.74
CA ARG A 317 6.01 10.31 -3.20
C ARG A 317 4.78 9.98 -4.04
N ILE A 318 3.61 10.49 -3.75
CA ILE A 318 2.47 10.49 -4.71
C ILE A 318 1.89 11.85 -4.75
N PRO A 319 2.01 12.56 -5.88
CA PRO A 319 1.29 13.85 -5.95
C PRO A 319 -0.17 13.64 -6.24
N SER A 320 -1.05 14.46 -5.70
CA SER A 320 -2.47 14.43 -6.09
C SER A 320 -2.88 15.62 -6.90
N THR A 321 -3.66 15.39 -7.95
CA THR A 321 -4.28 16.52 -8.69
C THR A 321 -5.28 17.20 -7.79
N VAL A 322 -5.26 18.55 -7.75
CA VAL A 322 -6.26 19.34 -7.00
C VAL A 322 -7.34 19.68 -8.03
N ILE A 323 -8.46 18.98 -7.89
CA ILE A 323 -9.53 19.06 -8.89
C ILE A 323 -10.18 20.45 -8.88
N GLY A 324 -10.10 21.13 -10.02
CA GLY A 324 -10.45 22.55 -10.14
C GLY A 324 -10.02 23.63 -9.17
N ASN A 325 -8.71 23.75 -8.88
CA ASN A 325 -8.18 24.92 -8.12
C ASN A 325 -7.39 25.78 -9.11
N SER A 326 -7.58 27.10 -9.06
CA SER A 326 -6.82 28.04 -9.89
C SER A 326 -5.33 28.15 -9.49
N ASN A 327 -5.08 28.47 -8.21
CA ASN A 327 -3.71 28.76 -7.67
C ASN A 327 -2.73 27.58 -7.59
N TYR A 328 -3.28 26.39 -7.37
CA TYR A 328 -2.43 25.24 -7.16
C TYR A 328 -2.91 24.07 -8.04
N ASN A 329 -1.98 23.45 -8.75
CA ASN A 329 -2.36 22.30 -9.52
C ASN A 329 -2.27 20.96 -8.76
N LEU A 330 -1.29 20.90 -7.84
CA LEU A 330 -0.82 19.61 -7.29
C LEU A 330 -0.57 19.70 -5.80
N LEU A 331 -0.94 18.63 -5.12
CA LEU A 331 -0.61 18.41 -3.72
C LEU A 331 0.54 17.42 -3.62
N ASN A 332 1.69 17.78 -3.01
CA ASN A 332 2.88 16.97 -3.10
C ASN A 332 2.99 16.21 -1.77
N ALA A 333 2.58 14.97 -1.72
CA ALA A 333 2.44 14.20 -0.46
C ALA A 333 3.59 13.16 -0.34
N ALA A 334 4.17 13.01 0.85
CA ALA A 334 5.14 11.97 1.19
C ALA A 334 4.37 10.95 2.03
N TYR A 335 4.57 9.68 1.77
CA TYR A 335 3.90 8.63 2.56
C TYR A 335 4.95 7.82 3.23
N VAL A 336 4.76 7.61 4.57
CA VAL A 336 5.75 6.83 5.33
C VAL A 336 5.82 5.44 4.82
N HIS A 337 7.08 4.92 4.55
CA HIS A 337 7.23 3.58 3.94
C HIS A 337 7.76 2.66 5.06
N TYR A 338 8.81 1.87 4.82
CA TYR A 338 9.39 1.06 5.93
C TYR A 338 10.41 1.88 6.69
N TYR A 339 10.72 1.40 7.95
CA TYR A 339 11.72 2.01 8.80
C TYR A 339 12.13 0.94 9.86
N ALA A 340 13.21 1.29 10.58
CA ALA A 340 13.60 0.43 11.76
C ALA A 340 14.44 1.33 12.66
N ALA A 341 14.19 1.36 13.97
CA ALA A 341 14.99 2.14 14.90
C ALA A 341 15.60 1.14 15.89
N THR A 342 16.91 1.23 16.05
CA THR A 342 17.56 0.40 17.11
C THR A 342 18.35 1.29 18.09
N SER A 343 18.73 2.45 17.69
CA SER A 343 19.53 3.34 18.56
C SER A 343 18.87 4.51 19.16
N ILE A 344 17.67 4.90 18.69
CA ILE A 344 17.05 6.16 19.13
C ILE A 344 15.55 5.89 19.15
N PRO A 345 14.79 6.69 19.93
CA PRO A 345 13.36 6.44 19.92
C PRO A 345 12.76 6.72 18.53
N LEU A 346 11.73 5.95 18.24
CA LEU A 346 11.07 6.08 16.93
C LEU A 346 10.64 7.47 16.65
N HIS A 347 10.09 8.21 17.62
CA HIS A 347 9.82 9.67 17.41
C HIS A 347 10.95 10.59 16.92
N GLN A 348 12.17 10.37 17.45
CA GLN A 348 13.32 11.03 17.06
C GLN A 348 13.75 10.71 15.59
N LEU A 349 13.60 9.43 15.20
CA LEU A 349 13.94 9.03 13.81
C LEU A 349 12.93 9.67 12.79
N ILE A 350 11.63 9.67 13.14
CA ILE A 350 10.56 10.11 12.21
C ILE A 350 10.51 11.62 12.18
N LEU A 351 10.91 12.32 13.26
CA LEU A 351 11.12 13.76 13.13
C LEU A 351 12.04 14.12 11.97
N ASP A 352 13.12 13.33 11.87
CA ASP A 352 14.05 13.57 10.73
C ASP A 352 13.41 13.29 9.35
N LEU A 353 12.53 12.34 9.34
CA LEU A 353 11.71 12.12 8.12
C LEU A 353 10.94 13.41 7.78
N LEU A 354 10.25 14.02 8.74
CA LEU A 354 9.45 15.16 8.48
C LEU A 354 10.29 16.34 8.02
N ILE A 355 11.51 16.48 8.65
CA ILE A 355 12.42 17.54 8.33
C ILE A 355 12.94 17.42 6.89
N VAL A 356 13.36 16.20 6.52
CA VAL A 356 13.81 15.96 5.10
C VAL A 356 12.63 16.15 4.15
N ALA A 357 11.48 15.61 4.47
CA ALA A 357 10.33 15.82 3.57
C ALA A 357 10.04 17.30 3.35
N HIS A 358 10.00 18.11 4.46
CA HIS A 358 9.70 19.46 4.31
C HIS A 358 10.77 20.20 3.49
N SER A 359 12.06 19.85 3.70
CA SER A 359 13.14 20.53 2.98
CA SER A 359 13.14 20.57 2.99
C SER A 359 13.11 20.26 1.51
N ARG A 360 12.60 19.08 1.19
CA ARG A 360 12.54 18.62 -0.23
C ARG A 360 11.23 19.08 -0.88
N GLY A 361 10.46 19.92 -0.23
CA GLY A 361 9.28 20.55 -0.80
C GLY A 361 7.98 19.78 -0.78
N PHE A 362 7.89 18.80 0.11
CA PHE A 362 6.57 18.15 0.30
C PHE A 362 5.58 18.95 1.11
N ASP A 363 4.28 18.84 0.88
CA ASP A 363 3.26 19.64 1.54
C ASP A 363 2.71 18.97 2.77
N VAL A 364 2.68 17.61 2.79
CA VAL A 364 2.06 16.85 3.90
C VAL A 364 2.81 15.50 3.90
N CYS A 365 2.77 14.84 5.07
CA CYS A 365 3.28 13.51 5.29
C CYS A 365 2.10 12.70 5.73
N ASN A 366 1.86 11.62 5.00
CA ASN A 366 0.73 10.77 5.26
C ASN A 366 1.13 9.36 5.64
N MET A 367 0.27 8.66 6.44
CA MET A 367 0.57 7.27 6.78
C MET A 367 -0.71 6.60 7.31
N VAL A 368 -0.65 5.30 7.49
CA VAL A 368 -1.78 4.54 8.07
C VAL A 368 -1.23 4.10 9.45
N GLU A 369 -2.11 3.81 10.40
CA GLU A 369 -1.67 3.49 11.79
C GLU A 369 -1.21 2.01 11.89
N ILE A 370 -0.50 1.52 10.89
CA ILE A 370 0.14 0.19 10.95
C ILE A 370 1.53 0.29 11.56
N LEU A 371 2.22 -0.85 11.57
CA LEU A 371 3.61 -0.86 12.18
C LEU A 371 3.62 -0.22 13.63
N ASP A 372 4.51 0.67 14.08
CA ASP A 372 4.42 1.45 15.35
C ASP A 372 4.12 2.92 15.15
N ASN A 373 3.38 3.13 14.05
CA ASN A 373 3.07 4.54 13.59
C ASN A 373 2.26 5.33 14.68
N ARG A 374 1.58 4.62 15.63
CA ARG A 374 0.90 5.35 16.73
C ARG A 374 1.84 6.00 17.72
N SER A 375 3.06 5.45 17.87
CA SER A 375 3.93 5.93 18.92
CA SER A 375 3.99 5.92 18.88
C SER A 375 4.47 7.32 18.69
N PHE A 376 4.26 7.94 17.47
CA PHE A 376 4.82 9.23 17.31
C PHE A 376 3.74 10.24 16.82
N VAL A 377 2.52 9.76 16.75
CA VAL A 377 1.34 10.61 16.36
C VAL A 377 1.30 11.92 17.15
N GLU A 378 1.26 11.93 18.50
CA GLU A 378 1.06 13.23 19.15
C GLU A 378 2.21 14.16 19.21
N GLN A 379 3.39 13.62 19.54
CA GLN A 379 4.54 14.49 19.66
C GLN A 379 4.93 15.04 18.30
N LEU A 380 4.66 14.25 17.23
CA LEU A 380 4.96 14.73 15.88
C LEU A 380 3.80 15.49 15.21
N LYS A 381 2.63 15.62 15.90
CA LYS A 381 1.56 16.53 15.44
C LYS A 381 0.87 15.95 14.20
N PHE A 382 0.84 14.66 14.06
CA PHE A 382 -0.13 14.01 13.12
C PHE A 382 -1.56 14.17 13.64
N GLY A 383 -2.50 14.18 12.72
CA GLY A 383 -3.97 14.14 12.96
C GLY A 383 -4.60 13.02 12.22
N ALA A 384 -5.59 12.28 12.78
CA ALA A 384 -6.39 11.34 12.06
C ALA A 384 -7.15 12.03 10.96
N GLY A 385 -7.13 11.40 9.80
CA GLY A 385 -7.81 11.76 8.61
C GLY A 385 -9.21 11.12 8.67
N ASP A 386 -9.95 11.33 7.62
CA ASP A 386 -11.33 10.95 7.56
CA ASP A 386 -11.33 10.90 7.58
C ASP A 386 -11.34 9.82 6.55
N GLY A 387 -11.06 8.62 7.04
CA GLY A 387 -11.10 7.37 6.29
C GLY A 387 -10.27 6.24 6.96
N HIS A 388 -10.43 5.02 6.41
CA HIS A 388 -9.64 3.84 6.88
C HIS A 388 -9.17 3.07 5.66
N LEU A 389 -7.94 2.58 5.79
CA LEU A 389 -7.39 1.60 4.81
C LEU A 389 -7.64 0.19 5.40
N ARG A 390 -8.30 -0.62 4.65
CA ARG A 390 -8.77 -1.94 4.97
C ARG A 390 -7.85 -2.94 4.30
N TYR A 391 -7.47 -4.03 4.98
CA TYR A 391 -6.53 -5.02 4.47
C TYR A 391 -7.32 -6.32 4.17
N TYR A 392 -7.04 -6.98 3.11
CA TYR A 392 -7.80 -8.16 2.71
C TYR A 392 -6.90 -9.26 2.16
N PHE A 393 -7.32 -10.53 2.30
CA PHE A 393 -6.79 -11.64 1.54
C PHE A 393 -7.79 -12.24 0.63
N TYR A 394 -7.30 -12.75 -0.45
CA TYR A 394 -8.06 -13.60 -1.41
C TYR A 394 -7.67 -15.04 -1.08
N ASN A 395 -8.67 -15.94 -0.92
CA ASN A 395 -8.40 -17.37 -0.56
C ASN A 395 -7.52 -17.55 0.73
N TRP A 396 -7.80 -16.90 1.84
CA TRP A 396 -7.10 -17.08 3.07
C TRP A 396 -7.93 -16.69 4.24
N ALA A 397 -8.29 -17.75 5.01
CA ALA A 397 -8.77 -17.49 6.34
C ALA A 397 -7.82 -16.90 7.31
N TYR A 398 -8.28 -15.88 7.98
CA TYR A 398 -7.45 -15.15 8.87
C TYR A 398 -8.27 -14.50 9.99
N PRO A 399 -7.86 -14.64 11.27
CA PRO A 399 -8.53 -13.91 12.34
C PRO A 399 -8.49 -12.40 12.16
N LYS A 400 -9.47 -11.70 12.65
CA LYS A 400 -9.37 -10.25 12.82
C LYS A 400 -8.15 -9.92 13.64
N ILE A 401 -7.25 -9.04 13.13
CA ILE A 401 -6.17 -8.49 13.92
C ILE A 401 -6.18 -6.96 13.96
N LYS A 402 -5.50 -6.38 14.92
CA LYS A 402 -5.39 -4.95 15.06
C LYS A 402 -4.41 -4.44 13.92
N PRO A 403 -4.49 -3.15 13.56
CA PRO A 403 -3.55 -2.68 12.49
C PRO A 403 -2.10 -2.56 13.00
N SER A 404 -1.90 -2.39 14.32
CA SER A 404 -0.59 -2.40 14.94
C SER A 404 0.06 -3.80 14.86
N GLN A 405 -0.64 -4.77 14.28
CA GLN A 405 -0.03 -6.08 14.04
CA GLN A 405 -0.15 -6.15 13.99
C GLN A 405 0.22 -6.39 12.53
N VAL A 406 0.08 -5.32 11.70
CA VAL A 406 0.33 -5.43 10.29
C VAL A 406 1.56 -4.63 9.89
N ALA A 407 2.41 -5.25 9.10
CA ALA A 407 3.71 -4.63 8.66
C ALA A 407 3.89 -4.56 7.16
N LEU A 408 2.86 -4.87 6.34
CA LEU A 408 2.86 -4.70 4.88
C LEU A 408 2.44 -3.23 4.53
N VAL A 409 3.37 -2.40 4.02
CA VAL A 409 3.04 -1.04 3.55
C VAL A 409 2.58 -1.21 2.07
N MET A 410 1.43 -0.61 1.71
CA MET A 410 1.07 -0.70 0.31
CA MET A 410 0.95 -0.64 0.35
C MET A 410 1.37 0.63 -0.41
N LEU A 411 1.66 0.52 -1.68
CA LEU A 411 2.06 1.72 -2.43
C LEU A 411 0.80 2.38 -2.98
S1 MYA B . -8.18 -0.48 -4.37
C2 MYA B . -8.35 0.88 -5.58
C3 MYA B . -9.60 0.66 -6.45
N4 MYA B . -9.61 1.72 -7.50
C5 MYA B . -10.33 2.84 -7.36
O5 MYA B . -10.94 3.10 -6.30
C6 MYA B . -10.21 3.83 -8.48
C7 MYA B . -11.61 4.52 -8.76
N8 MYA B . -12.69 3.51 -9.00
C9 MYA B . -12.77 2.64 -10.04
O9 MYA B . -11.92 2.60 -10.93
C10 MYA B . -13.95 1.69 -10.09
O10 MYA B . -14.95 2.29 -9.28
C11 MYA B . -13.63 0.26 -9.56
C12 MYA B . -14.91 -0.60 -9.48
C13 MYA B . -12.99 0.29 -8.12
C14 MYA B . -12.65 -0.35 -10.55
N1A MYA B . -11.90 -3.73 -4.86
O1A MYA B . -19.77 -2.58 -11.66
P1A MYA B . -18.26 -2.58 -11.35
C1X MYA B . -16.75 -4.41 -6.48
C2A MYA B . -12.60 -4.85 -5.16
O2A MYA B . -17.41 -2.78 -12.55
P2A MYA B . -17.09 0.02 -10.98
C2M MYA B . -7.31 -1.60 -5.30
O2M MYA B . -6.71 -1.36 -6.33
C2X MYA B . -18.13 -4.04 -5.96
O2X MYA B . -18.25 -4.39 -4.61
N3A MYA B . -13.88 -4.85 -5.59
O3A MYA B . -17.93 -1.22 -10.53
C3M MYA B . -7.31 -3.08 -4.81
C3X MYA B . -18.95 -4.88 -6.92
O3X MYA B . -18.99 -6.28 -6.51
P3X MYA B . -20.34 -6.85 -5.85
C4A MYA B . -14.53 -3.69 -5.69
O4A MYA B . -17.19 0.30 -12.41
C4M MYA B . -8.17 -3.97 -5.75
C4X MYA B . -18.20 -4.84 -8.18
O4X MYA B . -16.87 -4.29 -7.84
C5A MYA B . -13.89 -2.48 -5.39
O5A MYA B . -17.33 0.99 -9.91
C5M MYA B . -8.42 -5.40 -5.16
C5X MYA B . -18.81 -3.82 -9.13
O5X MYA B . -18.13 -3.75 -10.30
C6A MYA B . -12.55 -2.54 -4.93
N6A MYA B . -11.87 -1.41 -4.65
O6A MYA B . -15.55 -0.52 -10.80
C6M MYA B . -9.21 -6.16 -6.24
N7A MYA B . -14.79 -1.47 -5.64
O7A MYA B . -20.07 -8.30 -5.38
C7M MYA B . -9.55 -7.58 -5.71
C8A MYA B . -15.93 -2.04 -6.02
O8A MYA B . -21.38 -6.56 -6.90
C8M MYA B . -8.30 -8.51 -5.96
N9A MYA B . -15.76 -3.36 -6.10
O9A MYA B . -20.40 -6.07 -4.62
C9M MYA B . -8.72 -10.03 -5.62
CAM MYA B . -7.49 -10.96 -5.76
CBM MYA B . -7.29 -11.29 -7.20
CCM MYA B . -5.98 -12.10 -7.38
CDM MYA B . -6.17 -13.56 -6.79
CEM MYA B . -4.85 -14.36 -7.09
CFM MYA B . -4.92 -15.81 -6.58
CL TUQ C . -3.10 9.34 5.05
C11 TUQ C . -3.21 8.17 3.70
C10 TUQ C . -4.24 8.35 2.83
C12 TUQ C . -2.22 7.19 3.73
C13 TUQ C . -2.34 6.21 2.65
C14 TUQ C . -3.39 6.35 1.73
O1 TUQ C . -3.46 5.46 0.67
C15 TUQ C . -2.18 5.01 0.15
C19 TUQ C . -1.80 5.09 -1.38
C18 TUQ C . -2.62 4.15 -2.28
N4 TUQ C . -2.73 2.84 -1.74
C17 TUQ C . -3.12 2.76 -0.35
C16 TUQ C . -2.11 3.54 0.52
C9 TUQ C . -4.29 7.37 1.82
C8 TUQ C . -5.42 7.64 0.84
N3 TUQ C . -6.10 6.86 0.00
N2 TUQ C . -7.01 7.70 -0.59
O TUQ C . -5.85 8.88 0.63
C7 TUQ C . -6.85 8.95 -0.20
C6 TUQ C . -7.58 10.19 -0.61
C5 TUQ C . -6.58 11.20 -1.15
C1 TUQ C . -6.13 11.49 -2.44
C TUQ C . -6.53 10.81 -3.70
C3 TUQ C . -5.89 12.12 -0.27
C4 TUQ C . -5.94 12.22 1.27
N1 TUQ C . -5.07 12.83 -1.09
N TUQ C . -5.20 12.45 -2.44
C2 TUQ C . -4.06 13.88 -0.93
MG MG D . -17.85 -1.39 -14.93
#